data_3ZYH
#
_entry.id   3ZYH
#
_cell.length_a   40.559
_cell.length_b   72.865
_cell.length_c   133.723
_cell.angle_alpha   90.00
_cell.angle_beta   90.00
_cell.angle_gamma   90.00
#
_symmetry.space_group_name_H-M   'P 2 21 21'
#
loop_
_entity.id
_entity.type
_entity.pdbx_description
1 polymer 'PA-I galactophilic lectin'
2 non-polymer 'CALCIUM ION'
3 non-polymer '3-(beta-D-galactopyranosylthio)propanoic acid'
4 water water
#
_entity_poly.entity_id   1
_entity_poly.type   'polypeptide(L)'
_entity_poly.pdbx_seq_one_letter_code
;MAWKGEVLANNEAGQVTSIIYNPGDVITIVAAGWASYGPTQKWGPQGDREHPDQGLICHDAFCGALVMKIGNSGTIPVNT
GLFRWVAPNNVQGAITLIYNDVPGTYGNNSGSFSVNIGKDQS
;
_entity_poly.pdbx_strand_id   A,B
#
# COMPACT_ATOMS: atom_id res chain seq x y z
N ALA A 2 -18.84 1.33 2.30
CA ALA A 2 -17.36 1.56 2.33
C ALA A 2 -16.99 2.28 3.63
N TRP A 3 -15.73 2.13 4.01
CA TRP A 3 -15.23 2.70 5.25
C TRP A 3 -13.88 3.35 5.02
N LYS A 4 -13.68 4.50 5.62
CA LYS A 4 -12.38 5.15 5.64
C LYS A 4 -12.14 5.63 7.04
N GLY A 5 -10.95 5.36 7.56
CA GLY A 5 -10.60 5.82 8.88
C GLY A 5 -9.13 5.63 9.17
N GLU A 6 -8.75 6.10 10.34
CA GLU A 6 -7.37 5.99 10.82
C GLU A 6 -7.24 4.80 11.77
N VAL A 7 -6.10 4.11 11.67
CA VAL A 7 -5.77 3.02 12.57
C VAL A 7 -4.52 3.41 13.34
N LEU A 8 -4.67 3.69 14.63
CA LEU A 8 -3.56 4.14 15.45
C LEU A 8 -2.64 2.99 15.80
N ALA A 9 -1.35 3.23 15.63
CA ALA A 9 -0.33 2.24 15.95
C ALA A 9 -0.37 1.80 17.41
N ASN A 10 -0.75 2.70 18.31
CA ASN A 10 -0.82 2.37 19.73
C ASN A 10 -2.16 1.81 20.20
N ASN A 11 -3.05 1.50 19.27
CA ASN A 11 -4.39 0.99 19.61
C ASN A 11 -4.36 -0.53 19.63
N GLU A 12 -4.12 -1.11 20.80
CA GLU A 12 -3.89 -2.54 20.92
C GLU A 12 -5.15 -3.37 20.59
N ALA A 13 -6.33 -2.84 20.92
CA ALA A 13 -7.57 -3.58 20.70
C ALA A 13 -7.94 -3.54 19.23
N GLY A 14 -7.40 -2.57 18.51
CA GLY A 14 -7.66 -2.45 17.10
C GLY A 14 -8.80 -1.49 16.84
N GLN A 15 -8.86 -1.06 15.58
CA GLN A 15 -9.88 -0.16 15.11
C GLN A 15 -11.00 -0.94 14.42
N VAL A 16 -12.19 -0.95 15.02
CA VAL A 16 -13.34 -1.60 14.42
C VAL A 16 -13.84 -0.74 13.26
N THR A 17 -14.14 -1.36 12.13
CA THR A 17 -14.69 -0.63 10.98
C THR A 17 -16.19 -0.91 10.86
N SER A 18 -16.82 -0.27 9.87
CA SER A 18 -18.23 -0.48 9.63
C SER A 18 -18.46 -1.64 8.68
N ILE A 19 -17.38 -2.28 8.24
CA ILE A 19 -17.50 -3.35 7.26
C ILE A 19 -17.79 -4.66 7.95
N ILE A 20 -18.90 -5.29 7.59
CA ILE A 20 -19.18 -6.64 8.01
C ILE A 20 -18.94 -7.51 6.80
N TYR A 21 -17.89 -8.31 6.85
CA TYR A 21 -17.61 -9.24 5.76
C TYR A 21 -18.58 -10.42 5.81
N ASN A 22 -19.31 -10.61 4.70
CA ASN A 22 -20.27 -11.70 4.61
C ASN A 22 -19.82 -12.72 3.56
N PRO A 23 -20.29 -13.97 3.69
CA PRO A 23 -19.92 -14.98 2.70
C PRO A 23 -20.15 -14.53 1.26
N GLY A 24 -19.15 -14.70 0.41
CA GLY A 24 -19.24 -14.34 -1.00
C GLY A 24 -18.70 -12.95 -1.30
N ASP A 25 -18.51 -12.15 -0.25
CA ASP A 25 -18.07 -10.78 -0.43
C ASP A 25 -16.69 -10.72 -1.05
N VAL A 26 -16.50 -9.72 -1.91
CA VAL A 26 -15.19 -9.41 -2.45
C VAL A 26 -14.88 -8.02 -1.94
N ILE A 27 -13.68 -7.81 -1.40
CA ILE A 27 -13.33 -6.52 -0.84
C ILE A 27 -11.98 -6.02 -1.33
N THR A 28 -11.81 -4.72 -1.26
CA THR A 28 -10.54 -4.11 -1.59
C THR A 28 -10.16 -3.19 -0.45
N ILE A 29 -8.90 -3.27 -0.04
CA ILE A 29 -8.37 -2.40 1.00
C ILE A 29 -7.13 -1.69 0.47
N VAL A 30 -7.02 -0.40 0.73
CA VAL A 30 -5.79 0.34 0.48
C VAL A 30 -5.38 1.05 1.76
N ALA A 31 -4.14 0.83 2.19
CA ALA A 31 -3.63 1.43 3.42
C ALA A 31 -2.41 2.30 3.12
N ALA A 32 -2.31 3.43 3.80
CA ALA A 32 -1.20 4.35 3.60
C ALA A 32 -0.78 4.97 4.92
N GLY A 33 0.44 5.48 4.97
CA GLY A 33 0.93 6.26 6.10
C GLY A 33 2.16 5.71 6.77
N TRP A 34 2.46 6.28 7.94
CA TRP A 34 3.71 6.05 8.63
C TRP A 34 3.46 5.86 10.12
N ALA A 35 4.08 4.83 10.68
CA ALA A 35 3.88 4.49 12.09
C ALA A 35 5.13 3.81 12.62
N SER A 36 5.23 3.77 13.95
CA SER A 36 6.33 3.11 14.61
C SER A 36 5.87 2.23 15.76
N TYR A 37 6.62 1.16 15.97
CA TYR A 37 6.41 0.27 17.11
C TYR A 37 7.32 0.63 18.29
N GLY A 38 8.03 1.75 18.20
CA GLY A 38 8.85 2.20 19.32
C GLY A 38 9.94 3.16 18.92
N PRO A 39 10.71 2.79 17.89
CA PRO A 39 11.85 3.62 17.47
C PRO A 39 11.43 4.98 16.92
N THR A 40 12.39 5.89 16.78
CA THR A 40 12.11 7.22 16.26
C THR A 40 11.76 7.18 14.77
N GLN A 41 12.32 6.19 14.07
CA GLN A 41 12.02 5.95 12.66
C GLN A 41 10.57 5.54 12.51
N LYS A 42 10.04 5.65 11.29
CA LYS A 42 8.71 5.12 11.00
C LYS A 42 8.72 4.25 9.77
N TRP A 43 7.74 3.37 9.68
CA TRP A 43 7.61 2.43 8.58
C TRP A 43 6.20 2.49 8.00
N GLY A 44 6.07 2.06 6.75
CA GLY A 44 4.79 1.97 6.09
C GLY A 44 4.00 0.75 6.51
N PRO A 45 2.88 0.50 5.83
CA PRO A 45 1.96 -0.57 6.24
C PRO A 45 2.49 -2.00 6.08
N GLN A 46 3.66 -2.18 5.46
CA GLN A 46 4.30 -3.50 5.43
C GLN A 46 5.19 -3.73 6.64
N GLY A 47 5.38 -2.71 7.46
CA GLY A 47 6.20 -2.82 8.64
C GLY A 47 7.70 -2.79 8.40
N ASP A 48 8.44 -3.30 9.37
CA ASP A 48 9.90 -3.29 9.36
C ASP A 48 10.44 -4.69 9.06
N ARG A 49 10.96 -4.85 7.85
CA ARG A 49 11.44 -6.15 7.37
C ARG A 49 12.74 -6.60 8.05
N GLU A 50 13.37 -5.71 8.81
CA GLU A 50 14.63 -6.05 9.48
C GLU A 50 14.44 -6.44 10.95
N HIS A 51 13.25 -6.23 11.49
CA HIS A 51 13.01 -6.46 12.91
C HIS A 51 12.54 -7.89 13.19
N PRO A 52 13.16 -8.57 14.16
CA PRO A 52 12.75 -9.94 14.49
C PRO A 52 11.35 -10.01 15.11
N ASP A 53 10.62 -11.07 14.80
CA ASP A 53 9.33 -11.35 15.40
C ASP A 53 9.53 -11.84 16.84
N GLN A 54 9.06 -11.05 17.80
CA GLN A 54 9.27 -11.33 19.22
C GLN A 54 7.96 -11.61 19.95
N GLY A 55 7.00 -12.19 19.21
CA GLY A 55 5.69 -12.51 19.74
C GLY A 55 4.58 -11.65 19.15
N LEU A 56 4.69 -11.33 17.87
CA LEU A 56 3.69 -10.49 17.19
C LEU A 56 2.32 -11.15 17.15
N ILE A 57 1.26 -10.33 17.12
CA ILE A 57 -0.09 -10.86 17.03
C ILE A 57 -0.32 -11.53 15.67
N CYS A 58 0.52 -11.24 14.69
CA CYS A 58 0.48 -11.90 13.39
C CYS A 58 1.88 -12.31 12.97
N HIS A 59 2.12 -13.61 12.95
CA HIS A 59 3.43 -14.13 12.57
C HIS A 59 3.66 -14.17 11.06
N ASP A 60 2.64 -13.80 10.30
CA ASP A 60 2.74 -13.80 8.84
C ASP A 60 2.92 -12.41 8.24
N ALA A 61 3.22 -11.43 9.10
CA ALA A 61 3.55 -10.08 8.64
C ALA A 61 4.62 -9.50 9.55
N PHE A 62 5.34 -8.50 9.08
CA PHE A 62 6.39 -7.89 9.89
C PHE A 62 5.83 -7.06 11.04
N CYS A 63 6.67 -6.83 12.04
CA CYS A 63 6.36 -5.87 13.08
C CYS A 63 6.09 -4.52 12.42
N GLY A 64 4.99 -3.89 12.81
CA GLY A 64 4.60 -2.61 12.23
C GLY A 64 3.72 -2.69 10.99
N ALA A 65 3.38 -3.89 10.55
CA ALA A 65 2.49 -4.06 9.41
C ALA A 65 1.05 -3.90 9.82
N LEU A 66 0.19 -3.55 8.86
CA LEU A 66 -1.23 -3.56 9.10
C LEU A 66 -1.78 -4.98 8.95
N VAL A 67 -2.55 -5.42 9.93
CA VAL A 67 -3.23 -6.71 9.88
C VAL A 67 -4.70 -6.51 10.22
N MET A 68 -5.48 -7.57 10.14
CA MET A 68 -6.90 -7.47 10.45
C MET A 68 -7.41 -8.77 11.05
N LYS A 69 -8.56 -8.66 11.70
CA LYS A 69 -9.36 -9.82 12.07
C LYS A 69 -10.74 -9.65 11.50
N ILE A 70 -11.35 -10.76 11.12
CA ILE A 70 -12.71 -10.76 10.59
C ILE A 70 -13.53 -11.62 11.52
N GLY A 71 -14.48 -10.98 12.21
CA GLY A 71 -15.21 -11.65 13.25
C GLY A 71 -14.24 -12.26 14.24
N ASN A 72 -14.36 -13.55 14.50
CA ASN A 72 -13.51 -14.20 15.48
C ASN A 72 -12.34 -14.96 14.85
N SER A 73 -11.88 -14.47 13.71
CA SER A 73 -10.75 -15.09 13.03
C SER A 73 -9.45 -14.74 13.75
N GLY A 74 -8.40 -15.48 13.41
CA GLY A 74 -7.07 -15.07 13.74
C GLY A 74 -6.66 -13.90 12.86
N THR A 75 -5.48 -13.36 13.13
CA THR A 75 -4.98 -12.24 12.36
C THR A 75 -4.68 -12.64 10.91
N ILE A 76 -4.96 -11.72 9.99
CA ILE A 76 -4.73 -11.90 8.56
C ILE A 76 -3.94 -10.68 8.09
N PRO A 77 -2.83 -10.90 7.39
CA PRO A 77 -2.04 -9.78 6.87
C PRO A 77 -2.82 -8.91 5.88
N VAL A 78 -2.70 -7.60 6.05
CA VAL A 78 -3.25 -6.63 5.09
C VAL A 78 -2.09 -5.93 4.36
N ASN A 79 -1.08 -5.52 5.13
CA ASN A 79 0.03 -4.77 4.56
C ASN A 79 -0.47 -3.54 3.82
N THR A 80 -0.05 -3.31 2.57
CA THR A 80 -0.47 -2.12 1.84
C THR A 80 -1.91 -2.23 1.38
N GLY A 81 -2.47 -3.44 1.39
CA GLY A 81 -3.85 -3.62 0.95
C GLY A 81 -4.14 -4.96 0.34
N LEU A 82 -5.40 -5.14 -0.02
CA LEU A 82 -5.88 -6.35 -0.65
C LEU A 82 -6.70 -5.95 -1.87
N PHE A 83 -6.51 -6.66 -2.97
CA PHE A 83 -7.18 -6.30 -4.22
C PHE A 83 -8.20 -7.36 -4.62
N ARG A 84 -9.47 -6.98 -4.59
CA ARG A 84 -10.57 -7.88 -4.95
C ARG A 84 -10.36 -9.24 -4.29
N TRP A 85 -10.30 -9.20 -2.96
CA TRP A 85 -9.93 -10.32 -2.12
C TRP A 85 -11.16 -10.99 -1.53
N VAL A 86 -11.10 -12.32 -1.45
CA VAL A 86 -12.16 -13.12 -0.84
C VAL A 86 -11.59 -13.86 0.37
N ALA A 87 -12.36 -13.94 1.44
CA ALA A 87 -11.92 -14.55 2.68
C ALA A 87 -11.93 -16.07 2.61
N PRO A 88 -11.16 -16.72 3.49
CA PRO A 88 -11.23 -18.17 3.64
C PRO A 88 -12.62 -18.65 4.05
N ASN A 89 -12.93 -19.90 3.74
CA ASN A 89 -14.21 -20.48 4.12
C ASN A 89 -14.49 -20.28 5.62
N ASN A 90 -15.74 -19.97 5.94
CA ASN A 90 -16.19 -19.85 7.32
C ASN A 90 -15.69 -18.59 8.03
N VAL A 91 -14.99 -17.72 7.31
CA VAL A 91 -14.53 -16.46 7.87
C VAL A 91 -15.55 -15.37 7.52
N GLN A 92 -16.09 -14.74 8.55
CA GLN A 92 -17.10 -13.72 8.37
C GLN A 92 -17.24 -12.87 9.62
N GLY A 93 -17.76 -11.65 9.43
CA GLY A 93 -18.06 -10.77 10.55
C GLY A 93 -17.37 -9.43 10.40
N ALA A 94 -17.44 -8.63 11.46
CA ALA A 94 -16.88 -7.28 11.45
C ALA A 94 -15.38 -7.32 11.21
N ILE A 95 -14.90 -6.39 10.40
CA ILE A 95 -13.47 -6.25 10.17
C ILE A 95 -12.88 -5.27 11.17
N THR A 96 -11.89 -5.75 11.94
CA THR A 96 -11.12 -4.90 12.84
C THR A 96 -9.70 -4.82 12.31
N LEU A 97 -9.19 -3.60 12.14
CA LEU A 97 -7.82 -3.38 11.68
C LEU A 97 -6.90 -3.18 12.87
N ILE A 98 -5.71 -3.77 12.83
CA ILE A 98 -4.79 -3.72 13.97
C ILE A 98 -3.35 -3.55 13.49
N TYR A 99 -2.61 -2.72 14.21
CA TYR A 99 -1.17 -2.58 14.01
C TYR A 99 -0.49 -3.83 14.57
N ASN A 100 0.42 -4.42 13.83
CA ASN A 100 1.07 -5.65 14.24
C ASN A 100 2.21 -5.35 15.22
N ASP A 101 2.02 -5.72 16.48
CA ASP A 101 3.05 -5.57 17.51
C ASP A 101 2.89 -6.69 18.52
N VAL A 102 3.79 -6.74 19.50
CA VAL A 102 3.75 -7.73 20.57
C VAL A 102 2.74 -7.29 21.64
N PRO A 103 1.85 -8.19 22.07
CA PRO A 103 0.88 -7.83 23.11
C PRO A 103 1.56 -7.18 24.32
N GLY A 104 0.99 -6.09 24.82
CA GLY A 104 1.54 -5.42 25.98
C GLY A 104 2.61 -4.39 25.68
N THR A 105 3.00 -4.29 24.41
CA THR A 105 4.05 -3.36 24.05
C THR A 105 3.56 -2.23 23.13
N TYR A 106 2.26 -1.99 23.07
CA TYR A 106 1.73 -0.94 22.20
C TYR A 106 1.90 0.48 22.73
N GLY A 107 2.19 0.63 24.01
CA GLY A 107 2.24 1.94 24.66
C GLY A 107 3.28 2.92 24.11
N ASN A 108 4.35 2.40 23.53
CA ASN A 108 5.37 3.28 22.94
C ASN A 108 5.25 3.42 21.43
N ASN A 109 4.10 3.03 20.88
CA ASN A 109 3.89 3.15 19.44
C ASN A 109 3.40 4.55 19.08
N SER A 110 3.56 4.93 17.82
CA SER A 110 3.08 6.22 17.39
C SER A 110 2.75 6.19 15.91
N GLY A 111 2.05 7.23 15.47
CA GLY A 111 1.61 7.31 14.11
C GLY A 111 0.38 6.46 13.86
N SER A 112 0.03 6.35 12.59
CA SER A 112 -1.22 5.70 12.20
C SER A 112 -1.21 5.42 10.71
N PHE A 113 -2.13 4.57 10.29
CA PHE A 113 -2.38 4.34 8.87
C PHE A 113 -3.77 4.85 8.51
N SER A 114 -3.88 5.44 7.32
N SER A 114 -3.88 5.48 7.35
CA SER A 114 -5.17 5.85 6.77
CA SER A 114 -5.17 5.83 6.77
C SER A 114 -5.63 4.78 5.77
C SER A 114 -5.58 4.69 5.86
N VAL A 115 -6.79 4.19 6.05
CA VAL A 115 -7.23 2.99 5.34
C VAL A 115 -8.62 3.15 4.74
N ASN A 116 -8.76 2.67 3.50
CA ASN A 116 -10.05 2.56 2.82
C ASN A 116 -10.38 1.09 2.63
N ILE A 117 -11.64 0.74 2.90
CA ILE A 117 -12.16 -0.57 2.57
C ILE A 117 -13.45 -0.38 1.79
N GLY A 118 -13.58 -1.10 0.68
CA GLY A 118 -14.82 -1.13 -0.07
C GLY A 118 -15.19 -2.56 -0.42
N LYS A 119 -16.46 -2.79 -0.69
CA LYS A 119 -16.89 -4.07 -1.23
C LYS A 119 -16.95 -3.93 -2.74
N ASP A 120 -16.49 -4.95 -3.44
CA ASP A 120 -16.44 -4.94 -4.89
C ASP A 120 -17.63 -5.69 -5.44
N GLN A 121 -17.79 -5.64 -6.75
CA GLN A 121 -18.84 -6.40 -7.40
C GLN A 121 -18.63 -7.89 -7.19
N SER A 122 -19.73 -8.61 -7.05
CA SER A 122 -19.68 -10.06 -6.86
C SER A 122 -20.99 -10.65 -7.31
N ALA B 2 -8.48 -5.12 -16.38
CA ALA B 2 -7.59 -5.02 -15.18
C ALA B 2 -6.21 -5.53 -15.53
N TRP B 3 -5.24 -5.15 -14.70
CA TRP B 3 -3.85 -5.46 -14.97
C TRP B 3 -3.13 -5.82 -13.69
N LYS B 4 -2.27 -6.83 -13.77
CA LYS B 4 -1.37 -7.17 -12.66
C LYS B 4 0.00 -7.40 -13.23
N GLY B 5 1.02 -6.85 -12.59
CA GLY B 5 2.37 -7.02 -13.08
C GLY B 5 3.41 -6.46 -12.14
N GLU B 6 4.67 -6.61 -12.52
CA GLU B 6 5.78 -6.15 -11.71
C GLU B 6 6.37 -4.87 -12.30
N VAL B 7 6.77 -3.97 -11.41
CA VAL B 7 7.43 -2.73 -11.79
C VAL B 7 8.84 -2.78 -11.19
N LEU B 8 9.84 -2.97 -12.04
CA LEU B 8 11.22 -3.04 -11.57
C LEU B 8 11.75 -1.66 -11.20
N ALA B 9 12.44 -1.59 -10.08
CA ALA B 9 13.02 -0.34 -9.60
C ALA B 9 14.04 0.25 -10.55
N ASN B 10 14.74 -0.59 -11.31
CA ASN B 10 15.75 -0.08 -12.23
C ASN B 10 15.22 0.23 -13.63
N ASN B 11 13.90 0.14 -13.80
CA ASN B 11 13.30 0.39 -15.11
C ASN B 11 12.96 1.86 -15.30
N GLU B 12 13.92 2.62 -15.83
CA GLU B 12 13.80 4.06 -15.88
C GLU B 12 12.66 4.52 -16.79
N ALA B 13 12.42 3.78 -17.87
CA ALA B 13 11.37 4.13 -18.81
C ALA B 13 9.98 3.87 -18.24
N GLY B 14 9.91 3.02 -17.23
CA GLY B 14 8.64 2.68 -16.60
C GLY B 14 8.01 1.44 -17.20
N GLN B 15 7.06 0.89 -16.47
CA GLN B 15 6.34 -0.29 -16.90
C GLN B 15 4.98 0.11 -17.46
N VAL B 16 4.80 -0.05 -18.77
CA VAL B 16 3.51 0.24 -19.39
C VAL B 16 2.53 -0.85 -18.99
N THR B 17 1.31 -0.44 -18.67
CA THR B 17 0.27 -1.39 -18.30
C THR B 17 -0.73 -1.48 -19.43
N SER B 18 -1.71 -2.36 -19.27
CA SER B 18 -2.77 -2.52 -20.25
C SER B 18 -3.93 -1.57 -20.01
N ILE B 19 -3.81 -0.72 -18.99
CA ILE B 19 -4.90 0.18 -18.64
C ILE B 19 -4.81 1.47 -19.44
N ILE B 20 -5.87 1.77 -20.19
CA ILE B 20 -6.00 3.09 -20.80
C ILE B 20 -7.01 3.86 -19.96
N TYR B 21 -6.53 4.87 -19.22
CA TYR B 21 -7.42 5.71 -18.44
C TYR B 21 -8.21 6.66 -19.34
N ASN B 22 -9.53 6.55 -19.29
CA ASN B 22 -10.39 7.39 -20.12
C ASN B 22 -11.19 8.35 -19.26
N PRO B 23 -11.63 9.47 -19.84
CA PRO B 23 -12.40 10.45 -19.06
C PRO B 23 -13.55 9.79 -18.29
N GLY B 24 -13.63 10.10 -17.00
CA GLY B 24 -14.69 9.59 -16.13
C GLY B 24 -14.37 8.29 -15.42
N ASP B 25 -13.30 7.62 -15.83
CA ASP B 25 -12.93 6.35 -15.24
C ASP B 25 -12.60 6.53 -13.75
N VAL B 26 -12.98 5.54 -12.98
CA VAL B 26 -12.58 5.42 -11.58
C VAL B 26 -11.69 4.19 -11.52
N ILE B 27 -10.49 4.33 -10.96
CA ILE B 27 -9.61 3.17 -10.81
C ILE B 27 -9.14 2.93 -9.39
N THR B 28 -8.73 1.71 -9.13
CA THR B 28 -8.09 1.36 -7.86
C THR B 28 -6.77 0.68 -8.18
N ILE B 29 -5.75 1.08 -7.42
CA ILE B 29 -4.42 0.50 -7.53
C ILE B 29 -3.99 0.02 -6.16
N VAL B 30 -3.39 -1.16 -6.10
CA VAL B 30 -2.76 -1.65 -4.87
C VAL B 30 -1.35 -2.10 -5.23
N ALA B 31 -0.36 -1.58 -4.50
CA ALA B 31 1.05 -1.86 -4.78
C ALA B 31 1.69 -2.44 -3.55
N ALA B 32 2.54 -3.44 -3.73
CA ALA B 32 3.21 -4.11 -2.63
C ALA B 32 4.64 -4.43 -3.00
N GLY B 33 5.49 -4.65 -2.01
CA GLY B 33 6.82 -5.16 -2.27
C GLY B 33 7.95 -4.29 -1.72
N TRP B 34 9.16 -4.67 -2.09
CA TRP B 34 10.38 -4.07 -1.54
C TRP B 34 11.37 -3.78 -2.65
N ALA B 35 11.95 -2.59 -2.60
CA ALA B 35 12.88 -2.15 -3.63
C ALA B 35 13.87 -1.15 -3.06
N SER B 36 14.94 -0.89 -3.79
CA SER B 36 15.93 0.09 -3.37
C SER B 36 16.39 0.94 -4.52
N TYR B 37 16.72 2.19 -4.19
CA TYR B 37 17.30 3.13 -5.13
C TYR B 37 18.84 3.10 -5.05
N GLY B 38 19.41 2.12 -4.35
CA GLY B 38 20.85 1.98 -4.32
C GLY B 38 21.41 1.32 -3.06
N PRO B 39 20.97 1.79 -1.88
CA PRO B 39 21.44 1.20 -0.62
C PRO B 39 21.06 -0.27 -0.46
N THR B 40 21.71 -0.97 0.47
CA THR B 40 21.39 -2.38 0.69
C THR B 40 20.00 -2.56 1.32
N GLN B 41 19.58 -1.56 2.08
CA GLN B 41 18.25 -1.54 2.68
C GLN B 41 17.22 -1.54 1.56
N LYS B 42 15.98 -1.93 1.88
CA LYS B 42 14.89 -1.78 0.93
C LYS B 42 13.72 -1.07 1.56
N TRP B 43 12.89 -0.47 0.71
CA TRP B 43 11.72 0.29 1.14
C TRP B 43 10.49 -0.14 0.37
N GLY B 44 9.33 0.13 0.93
CA GLY B 44 8.06 -0.21 0.31
C GLY B 44 7.64 0.86 -0.66
N PRO B 45 6.40 0.77 -1.16
CA PRO B 45 5.95 1.65 -2.24
C PRO B 45 5.80 3.14 -1.89
N GLN B 46 5.98 3.48 -0.62
CA GLN B 46 5.98 4.89 -0.22
C GLN B 46 7.40 5.46 -0.25
N GLY B 47 8.39 4.61 -0.50
CA GLY B 47 9.76 5.05 -0.58
C GLY B 47 10.40 5.36 0.77
N ASP B 48 11.45 6.17 0.72
CA ASP B 48 12.30 6.49 1.86
C ASP B 48 12.04 7.93 2.34
N ARG B 49 11.31 8.04 3.45
CA ARG B 49 10.89 9.33 3.98
C ARG B 49 12.05 10.16 4.55
N GLU B 50 13.23 9.56 4.65
CA GLU B 50 14.39 10.23 5.26
C GLU B 50 15.39 10.74 4.23
N HIS B 51 15.16 10.42 2.96
CA HIS B 51 16.12 10.73 1.91
C HIS B 51 15.72 12.00 1.18
N PRO B 52 16.68 12.92 1.01
CA PRO B 52 16.37 14.18 0.33
C PRO B 52 16.10 14.00 -1.15
N ASP B 53 15.23 14.87 -1.67
CA ASP B 53 14.94 14.93 -3.08
C ASP B 53 16.12 15.59 -3.78
N GLN B 54 16.79 14.83 -4.64
CA GLN B 54 17.97 15.31 -5.35
C GLN B 54 17.71 15.39 -6.86
N GLY B 55 16.43 15.51 -7.24
CA GLY B 55 16.04 15.59 -8.64
C GLY B 55 15.12 14.45 -9.07
N LEU B 56 14.20 14.07 -8.20
CA LEU B 56 13.32 12.94 -8.47
C LEU B 56 12.37 13.22 -9.63
N ILE B 57 11.94 12.17 -10.32
CA ILE B 57 10.99 12.38 -11.42
C ILE B 57 9.63 12.84 -10.88
N CYS B 58 9.38 12.60 -9.59
CA CYS B 58 8.16 13.07 -8.95
C CYS B 58 8.52 13.72 -7.62
N HIS B 59 8.33 15.04 -7.55
CA HIS B 59 8.69 15.80 -6.37
C HIS B 59 7.62 15.76 -5.29
N ASP B 60 6.49 15.13 -5.60
CA ASP B 60 5.39 14.97 -4.64
C ASP B 60 5.37 13.59 -3.98
N ALA B 61 6.45 12.82 -4.17
CA ALA B 61 6.61 11.54 -3.50
C ALA B 61 8.08 11.35 -3.12
N PHE B 62 8.33 10.47 -2.16
CA PHE B 62 9.70 10.20 -1.71
C PHE B 62 10.46 9.37 -2.73
N CYS B 63 11.79 9.44 -2.64
CA CYS B 63 12.65 8.56 -3.41
C CYS B 63 12.32 7.12 -3.09
N GLY B 64 12.12 6.31 -4.12
CA GLY B 64 11.78 4.91 -3.96
C GLY B 64 10.29 4.64 -3.91
N ALA B 65 9.48 5.68 -4.11
CA ALA B 65 8.03 5.53 -4.12
C ALA B 65 7.58 5.10 -5.50
N LEU B 66 6.42 4.46 -5.56
CA LEU B 66 5.79 4.15 -6.83
C LEU B 66 5.01 5.37 -7.32
N VAL B 67 5.21 5.73 -8.58
CA VAL B 67 4.48 6.82 -9.20
C VAL B 67 3.97 6.36 -10.57
N MET B 68 3.21 7.21 -11.25
CA MET B 68 2.72 6.86 -12.56
C MET B 68 2.62 8.08 -13.47
N LYS B 69 2.53 7.82 -14.76
CA LYS B 69 2.11 8.81 -15.74
C LYS B 69 0.88 8.25 -16.44
N ILE B 70 -0.03 9.13 -16.81
CA ILE B 70 -1.21 8.75 -17.57
C ILE B 70 -1.15 9.53 -18.88
N GLY B 71 -0.99 8.81 -19.99
CA GLY B 71 -0.76 9.46 -21.27
C GLY B 71 0.45 10.39 -21.19
N ASN B 72 0.29 11.62 -21.64
CA ASN B 72 1.39 12.58 -21.61
C ASN B 72 1.39 13.46 -20.36
N SER B 73 0.82 12.95 -19.27
CA SER B 73 0.80 13.69 -18.01
C SER B 73 2.19 13.71 -17.36
N GLY B 74 2.36 14.61 -16.40
CA GLY B 74 3.51 14.53 -15.52
C GLY B 74 3.30 13.39 -14.54
N THR B 75 4.26 13.20 -13.66
CA THR B 75 4.17 12.11 -12.70
C THR B 75 3.13 12.40 -11.63
N ILE B 76 2.44 11.33 -11.20
CA ILE B 76 1.44 11.40 -10.16
C ILE B 76 1.81 10.34 -9.12
N PRO B 77 1.87 10.71 -7.84
CA PRO B 77 2.16 9.68 -6.84
C PRO B 77 1.14 8.55 -6.79
N VAL B 78 1.63 7.34 -6.62
CA VAL B 78 0.78 6.18 -6.38
C VAL B 78 0.99 5.65 -4.95
N ASN B 79 2.25 5.55 -4.55
CA ASN B 79 2.57 5.03 -3.22
C ASN B 79 1.98 3.63 -3.06
N THR B 80 1.27 3.37 -1.96
CA THR B 80 0.73 2.04 -1.72
C THR B 80 -0.49 1.76 -2.59
N GLY B 81 -1.05 2.79 -3.20
CA GLY B 81 -2.21 2.61 -4.04
C GLY B 81 -3.17 3.77 -4.01
N LEU B 82 -4.21 3.66 -4.83
CA LEU B 82 -5.25 4.67 -4.94
C LEU B 82 -6.59 3.94 -4.84
N PHE B 83 -7.51 4.51 -4.07
CA PHE B 83 -8.79 3.86 -3.85
C PHE B 83 -9.90 4.65 -4.52
N ARG B 84 -10.53 4.03 -5.52
CA ARG B 84 -11.64 4.63 -6.26
C ARG B 84 -11.32 6.07 -6.65
N TRP B 85 -10.22 6.20 -7.38
CA TRP B 85 -9.61 7.45 -7.75
C TRP B 85 -9.98 7.93 -9.16
N VAL B 86 -10.16 9.24 -9.29
CA VAL B 86 -10.45 9.88 -10.56
C VAL B 86 -9.31 10.86 -10.87
N ALA B 87 -8.87 10.88 -12.13
CA ALA B 87 -7.73 11.70 -12.53
C ALA B 87 -8.16 13.15 -12.69
N PRO B 88 -7.19 14.08 -12.71
CA PRO B 88 -7.48 15.49 -12.96
C PRO B 88 -8.08 15.69 -14.34
N ASN B 89 -8.78 16.81 -14.54
CA ASN B 89 -9.33 17.12 -15.85
C ASN B 89 -8.26 17.04 -16.94
N ASN B 90 -8.64 16.47 -18.07
CA ASN B 90 -7.78 16.44 -19.25
C ASN B 90 -6.65 15.42 -19.18
N VAL B 91 -6.63 14.61 -18.12
CA VAL B 91 -5.65 13.55 -18.01
C VAL B 91 -6.26 12.25 -18.52
N GLN B 92 -5.61 11.64 -19.50
CA GLN B 92 -6.10 10.41 -20.10
C GLN B 92 -4.99 9.72 -20.88
N GLY B 93 -5.13 8.42 -21.09
CA GLY B 93 -4.17 7.64 -21.84
C GLY B 93 -3.65 6.44 -21.07
N ALA B 94 -2.69 5.74 -21.65
CA ALA B 94 -2.10 4.56 -21.04
C ALA B 94 -1.46 4.91 -19.71
N ILE B 95 -1.64 4.04 -18.73
CA ILE B 95 -0.98 4.20 -17.44
C ILE B 95 0.38 3.51 -17.48
N THR B 96 1.44 4.27 -17.20
CA THR B 96 2.77 3.72 -17.03
C THR B 96 3.18 3.89 -15.56
N LEU B 97 3.62 2.80 -14.95
CA LEU B 97 4.08 2.82 -13.57
C LEU B 97 5.60 2.99 -13.54
N ILE B 98 6.11 3.79 -12.60
CA ILE B 98 7.53 4.10 -12.56
C ILE B 98 8.02 4.20 -11.12
N TYR B 99 9.20 3.65 -10.85
CA TYR B 99 9.88 3.83 -9.58
C TYR B 99 10.41 5.26 -9.55
N ASN B 100 10.25 5.93 -8.42
CA ASN B 100 10.68 7.31 -8.27
C ASN B 100 12.17 7.41 -7.93
N ASP B 101 12.98 7.87 -8.86
CA ASP B 101 14.41 8.07 -8.61
C ASP B 101 14.84 9.25 -9.46
N VAL B 102 16.11 9.63 -9.35
CA VAL B 102 16.68 10.71 -10.14
C VAL B 102 17.08 10.20 -11.52
N PRO B 103 16.71 10.94 -12.58
CA PRO B 103 17.08 10.45 -13.91
C PRO B 103 18.57 10.16 -14.02
N GLY B 104 18.91 9.07 -14.69
CA GLY B 104 20.28 8.67 -14.88
C GLY B 104 20.88 7.93 -13.70
N THR B 105 20.11 7.75 -12.63
CA THR B 105 20.61 7.01 -11.46
C THR B 105 19.88 5.70 -11.22
N TYR B 106 19.18 5.17 -12.21
CA TYR B 106 18.42 3.93 -12.03
C TYR B 106 19.25 2.65 -12.09
N GLY B 107 20.49 2.76 -12.58
CA GLY B 107 21.31 1.60 -12.86
C GLY B 107 21.66 0.77 -11.63
N ASN B 108 21.72 1.40 -10.47
CA ASN B 108 22.04 0.68 -9.23
C ASN B 108 20.83 0.29 -8.41
N ASN B 109 19.64 0.40 -8.99
CA ASN B 109 18.42 0.07 -8.27
C ASN B 109 18.16 -1.42 -8.27
N SER B 110 17.39 -1.89 -7.30
CA SER B 110 17.05 -3.31 -7.23
C SER B 110 15.66 -3.54 -6.66
N GLY B 111 15.15 -4.74 -6.87
CA GLY B 111 13.83 -5.08 -6.37
C GLY B 111 12.74 -4.58 -7.28
N SER B 112 11.50 -4.72 -6.83
CA SER B 112 10.35 -4.43 -7.66
C SER B 112 9.12 -4.34 -6.78
N PHE B 113 8.06 -3.75 -7.34
CA PHE B 113 6.75 -3.77 -6.71
C PHE B 113 5.79 -4.61 -7.54
N SER B 114 4.94 -5.35 -6.85
N SER B 114 4.91 -5.33 -6.86
CA SER B 114 3.83 -6.04 -7.47
CA SER B 114 3.84 -6.06 -7.51
C SER B 114 2.65 -5.09 -7.43
C SER B 114 2.59 -5.20 -7.42
N VAL B 115 1.97 -4.92 -8.56
CA VAL B 115 0.88 -3.96 -8.63
C VAL B 115 -0.34 -4.52 -9.34
N ASN B 116 -1.51 -4.25 -8.77
CA ASN B 116 -2.81 -4.52 -9.39
C ASN B 116 -3.50 -3.21 -9.72
N ILE B 117 -4.06 -3.09 -10.92
CA ILE B 117 -4.90 -1.96 -11.28
C ILE B 117 -6.21 -2.47 -11.84
N GLY B 118 -7.31 -1.93 -11.36
CA GLY B 118 -8.62 -2.25 -11.91
C GLY B 118 -9.45 -1.01 -12.11
N LYS B 119 -10.41 -1.09 -13.03
CA LYS B 119 -11.38 -0.01 -13.16
C LYS B 119 -12.57 -0.35 -12.28
N ASP B 120 -13.08 0.66 -11.59
CA ASP B 120 -14.19 0.52 -10.68
C ASP B 120 -15.49 0.90 -11.36
N GLN B 121 -16.61 0.65 -10.69
CA GLN B 121 -17.89 1.10 -11.21
C GLN B 121 -17.92 2.62 -11.28
N SER B 122 -18.56 3.15 -12.32
CA SER B 122 -18.66 4.59 -12.48
C SER B 122 -19.89 4.95 -13.29
#